data_3GW4
#
_entry.id   3GW4
#
_cell.length_a   57.850
_cell.length_b   70.680
_cell.length_c   102.990
_cell.angle_alpha   90.000
_cell.angle_beta   90.000
_cell.angle_gamma   90.000
#
_symmetry.space_group_name_H-M   'P 21 21 21'
#
loop_
_entity.id
_entity.type
_entity.pdbx_description
1 polymer 'Uncharacterized protein'
2 water water
#
_entity_poly.entity_id   1
_entity_poly.type   'polypeptide(L)'
_entity_poly.pdbx_seq_one_letter_code
;AAFEAHDYALAERQAQALLAHPATASGARF(MSE)LGYVYAF(MSE)DRFDEARASFQALQQQAQKSGDHTAEHRALHQV
G(MSE)VER(MSE)AGNWDAARRCFLEERELLASLPEDPLAASANAYEVATVALHFGDLAGARQEYEKSLVYAQQADDQV
AIACAFRGLGDLAQQEKNLLEAQQHWLRARDIFAELEDSEAVNEL(MSE)TRLNGLEHHHHHH
;
_entity_poly.pdbx_strand_id   A,B
#
# COMPACT_ATOMS: atom_id res chain seq x y z
N ASP A 7 9.91 3.08 2.79
CA ASP A 7 8.56 2.73 3.34
C ASP A 7 8.42 1.21 3.49
N TYR A 8 8.59 0.53 2.37
CA TYR A 8 8.38 -0.91 2.28
C TYR A 8 9.50 -1.75 2.92
N ALA A 9 10.75 -1.43 2.59
CA ALA A 9 11.92 -2.09 3.18
C ALA A 9 11.96 -1.90 4.72
N LEU A 10 11.22 -0.91 5.21
CA LEU A 10 10.98 -0.70 6.64
C LEU A 10 9.94 -1.70 7.19
N ALA A 11 8.83 -1.84 6.49
CA ALA A 11 7.80 -2.80 6.87
C ALA A 11 8.32 -4.25 6.82
N GLU A 12 9.15 -4.56 5.82
CA GLU A 12 9.70 -5.90 5.67
C GLU A 12 10.52 -6.38 6.90
N ARG A 13 11.30 -5.48 7.51
CA ARG A 13 12.06 -5.83 8.72
C ARG A 13 11.15 -5.95 9.96
N GLN A 14 10.18 -5.07 10.05
CA GLN A 14 9.26 -5.10 11.18
C GLN A 14 8.57 -6.43 11.20
N ALA A 15 8.00 -6.80 10.06
CA ALA A 15 7.35 -8.11 9.89
C ALA A 15 8.31 -9.30 10.01
N GLN A 16 9.58 -9.12 9.64
CA GLN A 16 10.57 -10.18 9.81
C GLN A 16 10.95 -10.39 11.27
N ALA A 17 10.74 -9.37 12.09
CA ALA A 17 10.97 -9.48 13.53
C ALA A 17 9.81 -10.21 14.17
N LEU A 18 8.61 -9.97 13.66
CA LEU A 18 7.40 -10.64 14.12
C LEU A 18 7.39 -12.11 13.75
N LEU A 19 8.18 -12.47 12.76
CA LEU A 19 8.22 -13.83 12.26
C LEU A 19 9.05 -14.72 13.18
N ALA A 20 10.03 -14.13 13.86
CA ALA A 20 10.90 -14.85 14.80
C ALA A 20 10.18 -15.55 15.97
N HIS A 21 9.00 -15.06 16.34
CA HIS A 21 8.28 -15.56 17.52
C HIS A 21 6.99 -16.30 17.17
N PRO A 22 6.93 -17.61 17.45
CA PRO A 22 5.76 -18.44 17.11
C PRO A 22 4.42 -17.73 17.34
N ALA A 23 4.31 -16.97 18.43
CA ALA A 23 3.06 -16.31 18.83
C ALA A 23 2.61 -15.18 17.90
N THR A 24 3.54 -14.62 17.12
CA THR A 24 3.23 -13.50 16.21
C THR A 24 3.47 -13.86 14.75
N ALA A 25 3.98 -15.07 14.50
CA ALA A 25 4.41 -15.50 13.17
C ALA A 25 3.35 -15.39 12.06
N SER A 26 2.08 -15.64 12.40
CA SER A 26 0.99 -15.63 11.42
C SER A 26 0.57 -14.24 10.95
N GLY A 27 0.68 -13.25 11.84
CA GLY A 27 0.47 -11.85 11.46
C GLY A 27 1.63 -11.37 10.61
N ALA A 28 2.80 -11.94 10.85
CA ALA A 28 3.98 -11.62 10.04
C ALA A 28 3.78 -12.06 8.60
N ARG A 29 3.26 -13.27 8.41
CA ARG A 29 3.06 -13.83 7.09
C ARG A 29 2.00 -13.06 6.31
N PHE A 30 0.91 -12.70 6.97
CA PHE A 30 -0.11 -11.87 6.33
C PHE A 30 0.50 -10.55 5.86
N MSE A 31 1.24 -9.89 6.75
CA MSE A 31 1.91 -8.65 6.46
C MSE A 31 2.91 -8.77 5.30
O MSE A 31 2.92 -7.92 4.40
CB MSE A 31 2.66 -8.19 7.70
CG MSE A 31 2.80 -6.68 7.84
SE MSE A 31 4.11 -6.16 9.22
CE MSE A 31 3.69 -7.44 10.63
N LEU A 32 3.76 -9.80 5.34
CA LEU A 32 4.78 -10.03 4.32
C LEU A 32 4.19 -10.31 2.96
N GLY A 33 3.08 -11.04 2.94
CA GLY A 33 2.38 -11.30 1.71
C GLY A 33 2.10 -9.96 1.04
N TYR A 34 1.40 -9.08 1.76
CA TYR A 34 1.04 -7.79 1.19
C TYR A 34 2.24 -6.92 0.90
N VAL A 35 3.18 -6.89 1.83
CA VAL A 35 4.37 -6.07 1.67
C VAL A 35 5.09 -6.48 0.39
N TYR A 36 5.39 -7.77 0.23
CA TYR A 36 5.99 -8.31 -0.99
C TYR A 36 5.17 -8.06 -2.26
N ALA A 37 3.84 -8.02 -2.12
CA ALA A 37 2.99 -7.74 -3.26
C ALA A 37 3.12 -6.29 -3.73
N PHE A 38 3.26 -5.36 -2.79
CA PHE A 38 3.55 -3.95 -3.10
C PHE A 38 4.89 -3.81 -3.80
N MSE A 39 5.90 -4.54 -3.32
CA MSE A 39 7.25 -4.47 -3.87
C MSE A 39 7.36 -5.30 -5.13
O MSE A 39 8.46 -5.54 -5.61
CB MSE A 39 8.30 -4.95 -2.86
CG MSE A 39 8.51 -4.04 -1.67
SE MSE A 39 9.83 -4.87 -0.48
CE MSE A 39 8.69 -6.11 0.49
N ASP A 40 6.21 -5.75 -5.63
CA ASP A 40 6.16 -6.41 -6.93
C ASP A 40 6.89 -7.75 -6.97
N ARG A 41 7.23 -8.28 -5.80
CA ARG A 41 7.87 -9.58 -5.72
C ARG A 41 6.87 -10.68 -5.38
N PHE A 42 6.24 -11.17 -6.43
CA PHE A 42 5.09 -12.05 -6.34
C PHE A 42 5.45 -13.48 -5.95
N ASP A 43 6.70 -13.88 -6.12
CA ASP A 43 7.05 -15.24 -5.75
C ASP A 43 7.14 -15.39 -4.24
N GLU A 44 7.73 -14.40 -3.58
CA GLU A 44 7.75 -14.41 -2.13
C GLU A 44 6.39 -14.10 -1.50
N ALA A 45 5.55 -13.32 -2.17
CA ALA A 45 4.21 -13.01 -1.65
C ALA A 45 3.33 -14.25 -1.65
N ARG A 46 3.34 -14.98 -2.76
CA ARG A 46 2.63 -16.25 -2.89
C ARG A 46 3.08 -17.22 -1.79
N ALA A 47 4.39 -17.49 -1.72
CA ALA A 47 4.92 -18.39 -0.70
C ALA A 47 4.50 -17.96 0.70
N SER A 48 4.45 -16.65 0.92
CA SER A 48 4.05 -16.10 2.21
C SER A 48 2.59 -16.40 2.50
N PHE A 49 1.75 -16.21 1.49
CA PHE A 49 0.32 -16.43 1.67
C PHE A 49 -0.05 -17.93 1.71
N GLN A 50 0.78 -18.75 1.07
CA GLN A 50 0.57 -20.20 1.04
C GLN A 50 0.88 -20.87 2.37
N ALA A 51 1.91 -20.40 3.05
CA ALA A 51 2.22 -20.90 4.37
C ALA A 51 1.04 -20.73 5.32
N LEU A 52 0.35 -19.62 5.19
CA LEU A 52 -0.86 -19.35 5.97
C LEU A 52 -1.99 -20.30 5.58
N GLN A 53 -2.12 -20.59 4.30
CA GLN A 53 -3.12 -21.53 3.86
C GLN A 53 -2.89 -22.92 4.43
N GLN A 54 -1.64 -23.40 4.34
CA GLN A 54 -1.27 -24.73 4.81
C GLN A 54 -1.46 -24.88 6.31
N GLN A 55 -1.22 -23.79 7.02
CA GLN A 55 -1.48 -23.67 8.44
C GLN A 55 -2.97 -23.77 8.77
N ALA A 56 -3.81 -23.08 7.99
CA ALA A 56 -5.26 -23.18 8.16
C ALA A 56 -5.80 -24.59 7.90
N GLN A 57 -5.13 -25.33 7.01
CA GLN A 57 -5.55 -26.69 6.68
C GLN A 57 -5.28 -27.65 7.83
N LYS A 58 -4.05 -27.61 8.37
CA LYS A 58 -3.66 -28.42 9.53
C LYS A 58 -4.02 -27.66 10.82
N SER A 59 -5.31 -27.56 11.09
CA SER A 59 -5.84 -26.79 12.21
C SER A 59 -7.34 -26.84 12.11
N GLY A 60 -7.84 -26.95 10.89
CA GLY A 60 -9.26 -27.02 10.65
C GLY A 60 -9.82 -25.76 10.04
N ASP A 61 -9.75 -24.65 10.79
CA ASP A 61 -10.56 -23.46 10.47
C ASP A 61 -10.53 -23.04 9.00
N HIS A 62 -11.66 -23.22 8.36
CA HIS A 62 -11.81 -22.93 6.96
C HIS A 62 -11.95 -21.43 6.75
N THR A 63 -11.84 -20.66 7.84
CA THR A 63 -11.91 -19.19 7.78
C THR A 63 -10.55 -18.61 7.44
N ALA A 64 -9.52 -19.06 8.13
CA ALA A 64 -8.18 -18.66 7.79
C ALA A 64 -7.85 -19.12 6.37
N GLU A 65 -8.39 -20.27 5.96
CA GLU A 65 -8.10 -20.86 4.65
C GLU A 65 -8.68 -20.11 3.44
N HIS A 66 -9.98 -19.85 3.48
CA HIS A 66 -10.61 -19.00 2.46
C HIS A 66 -9.88 -17.67 2.30
N ARG A 67 -9.44 -17.10 3.43
CA ARG A 67 -8.81 -15.79 3.43
C ARG A 67 -7.42 -15.87 2.80
N ALA A 68 -6.71 -16.94 3.08
CA ALA A 68 -5.39 -17.17 2.51
C ALA A 68 -5.49 -17.50 1.02
N LEU A 69 -6.61 -18.08 0.61
CA LEU A 69 -6.78 -18.48 -0.77
C LEU A 69 -7.02 -17.29 -1.67
N HIS A 70 -7.94 -16.43 -1.25
CA HIS A 70 -8.21 -15.17 -1.89
C HIS A 70 -6.99 -14.31 -2.06
N GLN A 71 -6.15 -14.28 -1.03
CA GLN A 71 -4.90 -13.54 -1.08
C GLN A 71 -3.95 -14.21 -2.09
N VAL A 72 -3.81 -15.54 -2.05
CA VAL A 72 -2.98 -16.24 -3.05
C VAL A 72 -3.47 -15.91 -4.46
N GLY A 73 -4.77 -15.99 -4.67
CA GLY A 73 -5.36 -15.67 -5.98
C GLY A 73 -5.16 -14.22 -6.40
N MSE A 74 -5.13 -13.33 -5.42
CA MSE A 74 -4.86 -11.95 -5.69
C MSE A 74 -3.46 -11.79 -6.28
O MSE A 74 -3.30 -11.14 -7.30
CB MSE A 74 -5.03 -11.13 -4.41
CG MSE A 74 -4.69 -9.64 -4.54
SE MSE A 74 -4.26 -8.75 -2.79
CE MSE A 74 -2.39 -9.37 -2.53
N VAL A 75 -2.44 -12.41 -5.67
CA VAL A 75 -1.08 -12.30 -6.20
C VAL A 75 -0.92 -13.00 -7.54
N GLU A 76 -1.60 -14.13 -7.71
CA GLU A 76 -1.59 -14.85 -8.98
C GLU A 76 -2.09 -13.93 -10.10
N ARG A 77 -3.17 -13.20 -9.82
CA ARG A 77 -3.71 -12.21 -10.73
C ARG A 77 -2.68 -11.14 -11.07
N MSE A 78 -2.03 -10.60 -10.04
CA MSE A 78 -1.01 -9.58 -10.22
C MSE A 78 0.23 -10.11 -10.94
O MSE A 78 0.90 -9.39 -11.67
CB MSE A 78 -0.65 -8.98 -8.87
CG MSE A 78 -1.82 -8.26 -8.21
SE MSE A 78 -1.41 -7.59 -6.41
CE MSE A 78 -3.22 -6.92 -6.04
N ALA A 79 0.52 -11.39 -10.74
CA ALA A 79 1.59 -12.08 -11.45
C ALA A 79 1.23 -12.35 -12.92
N GLY A 80 -0.04 -12.13 -13.30
CA GLY A 80 -0.53 -12.48 -14.64
C GLY A 80 -0.73 -13.97 -14.89
N ASN A 81 -0.83 -14.76 -13.81
CA ASN A 81 -1.26 -16.16 -13.89
C ASN A 81 -2.77 -16.24 -13.65
N TRP A 82 -3.54 -15.96 -14.70
CA TRP A 82 -4.99 -15.90 -14.63
C TRP A 82 -5.66 -17.23 -14.42
N ASP A 83 -5.02 -18.30 -14.88
CA ASP A 83 -5.54 -19.65 -14.66
C ASP A 83 -5.36 -20.09 -13.20
N ALA A 84 -4.21 -19.81 -12.62
CA ALA A 84 -4.01 -20.10 -11.19
C ALA A 84 -4.99 -19.25 -10.36
N ALA A 85 -5.26 -18.02 -10.80
CA ALA A 85 -6.20 -17.15 -10.09
C ALA A 85 -7.61 -17.72 -10.10
N ARG A 86 -8.09 -18.01 -11.31
CA ARG A 86 -9.33 -18.77 -11.52
C ARG A 86 -9.43 -19.94 -10.52
N ARG A 87 -8.45 -20.84 -10.54
CA ARG A 87 -8.47 -21.98 -9.60
C ARG A 87 -8.65 -21.59 -8.13
N CYS A 88 -7.90 -20.58 -7.65
CA CYS A 88 -7.96 -20.10 -6.24
C CYS A 88 -9.32 -19.49 -5.88
N PHE A 89 -9.90 -18.69 -6.78
CA PHE A 89 -11.19 -18.07 -6.48
C PHE A 89 -12.35 -19.06 -6.53
N LEU A 90 -12.31 -19.98 -7.49
CA LEU A 90 -13.25 -21.11 -7.56
C LEU A 90 -13.17 -21.97 -6.30
N GLU A 91 -11.97 -22.27 -5.83
CA GLU A 91 -11.84 -23.05 -4.62
C GLU A 91 -12.33 -22.27 -3.40
N GLU A 92 -12.00 -20.97 -3.33
CA GLU A 92 -12.43 -20.12 -2.21
C GLU A 92 -13.95 -20.04 -2.18
N ARG A 93 -14.56 -20.06 -3.35
CA ARG A 93 -15.99 -20.11 -3.48
C ARG A 93 -16.62 -21.36 -2.84
N GLU A 94 -15.98 -22.51 -3.02
CA GLU A 94 -16.42 -23.73 -2.34
C GLU A 94 -16.44 -23.59 -0.81
N LEU A 95 -15.28 -23.31 -0.22
CA LEU A 95 -15.18 -23.13 1.22
C LEU A 95 -16.27 -22.19 1.76
N LEU A 96 -16.51 -21.09 1.05
CA LEU A 96 -17.54 -20.13 1.45
C LEU A 96 -18.96 -20.68 1.41
N ALA A 97 -19.24 -21.58 0.48
CA ALA A 97 -20.60 -22.16 0.38
C ALA A 97 -20.93 -23.02 1.60
N SER A 98 -19.89 -23.49 2.29
CA SER A 98 -20.02 -24.32 3.49
C SER A 98 -19.92 -23.50 4.78
N LEU A 99 -19.35 -22.29 4.68
CA LEU A 99 -19.19 -21.41 5.85
C LEU A 99 -20.46 -20.60 6.10
N PRO A 100 -20.61 -20.05 7.31
CA PRO A 100 -21.69 -19.09 7.61
C PRO A 100 -21.67 -17.90 6.66
N GLU A 101 -22.83 -17.30 6.41
CA GLU A 101 -22.88 -16.18 5.47
C GLU A 101 -21.96 -15.03 5.88
N ASP A 102 -21.33 -14.46 4.85
CA ASP A 102 -20.38 -13.38 4.93
C ASP A 102 -20.46 -12.57 3.62
N PRO A 103 -21.30 -11.54 3.58
CA PRO A 103 -21.45 -10.71 2.37
C PRO A 103 -20.17 -10.00 1.93
N LEU A 104 -19.28 -9.69 2.87
CA LEU A 104 -18.04 -9.03 2.49
C LEU A 104 -17.13 -10.01 1.77
N ALA A 105 -16.95 -11.19 2.37
CA ALA A 105 -16.18 -12.27 1.77
C ALA A 105 -16.71 -12.60 0.40
N ALA A 106 -18.04 -12.65 0.27
CA ALA A 106 -18.70 -13.02 -0.98
C ALA A 106 -18.60 -11.92 -2.05
N SER A 107 -18.65 -10.66 -1.63
CA SER A 107 -18.43 -9.55 -2.55
C SER A 107 -17.01 -9.61 -3.17
N ALA A 108 -15.99 -9.67 -2.31
CA ALA A 108 -14.60 -9.72 -2.74
C ALA A 108 -14.34 -10.91 -3.68
N ASN A 109 -14.95 -12.04 -3.34
CA ASN A 109 -14.83 -13.22 -4.19
C ASN A 109 -15.57 -13.05 -5.52
N ALA A 110 -16.81 -12.59 -5.44
CA ALA A 110 -17.60 -12.30 -6.64
C ALA A 110 -16.84 -11.34 -7.56
N TYR A 111 -16.39 -10.22 -7.01
CA TYR A 111 -15.65 -9.22 -7.76
C TYR A 111 -14.42 -9.76 -8.52
N GLU A 112 -13.67 -10.65 -7.86
CA GLU A 112 -12.47 -11.27 -8.42
C GLU A 112 -12.80 -12.30 -9.49
N VAL A 113 -13.91 -13.02 -9.29
CA VAL A 113 -14.37 -13.98 -10.30
C VAL A 113 -14.86 -13.21 -11.54
N ALA A 114 -15.43 -12.02 -11.33
CA ALA A 114 -15.86 -11.16 -12.43
C ALA A 114 -14.69 -10.65 -13.26
N THR A 115 -13.55 -10.39 -12.60
CA THR A 115 -12.36 -9.87 -13.26
C THR A 115 -11.73 -10.96 -14.11
N VAL A 116 -11.60 -12.16 -13.55
CA VAL A 116 -11.07 -13.30 -14.28
C VAL A 116 -11.93 -13.64 -15.50
N ALA A 117 -13.26 -13.66 -15.29
CA ALA A 117 -14.24 -13.95 -16.33
C ALA A 117 -14.12 -12.93 -17.46
N LEU A 118 -13.98 -11.66 -17.08
CA LEU A 118 -13.83 -10.63 -18.08
C LEU A 118 -12.50 -10.86 -18.81
N HIS A 119 -11.43 -11.11 -18.06
CA HIS A 119 -10.13 -11.38 -18.68
C HIS A 119 -10.26 -12.48 -19.72
N PHE A 120 -11.08 -13.49 -19.44
CA PHE A 120 -11.22 -14.62 -20.37
C PHE A 120 -12.35 -14.46 -21.41
N GLY A 121 -13.10 -13.37 -21.35
CA GLY A 121 -14.15 -13.17 -22.34
C GLY A 121 -15.54 -13.73 -22.02
N ASP A 122 -15.77 -14.29 -20.84
CA ASP A 122 -17.13 -14.64 -20.45
C ASP A 122 -17.92 -13.40 -19.97
N LEU A 123 -18.29 -12.55 -20.92
CA LEU A 123 -18.87 -11.26 -20.59
C LEU A 123 -20.19 -11.36 -19.81
N ALA A 124 -21.09 -12.24 -20.22
CA ALA A 124 -22.33 -12.46 -19.46
C ALA A 124 -22.02 -12.90 -18.02
N GLY A 125 -21.03 -13.77 -17.88
CA GLY A 125 -20.59 -14.24 -16.58
C GLY A 125 -20.02 -13.13 -15.70
N ALA A 126 -19.32 -12.17 -16.31
CA ALA A 126 -18.74 -11.05 -15.55
C ALA A 126 -19.84 -10.10 -15.15
N ARG A 127 -20.84 -9.98 -15.99
CA ARG A 127 -21.98 -9.12 -15.68
C ARG A 127 -22.64 -9.61 -14.39
N GLN A 128 -22.88 -10.92 -14.33
CA GLN A 128 -23.54 -11.54 -13.21
C GLN A 128 -22.70 -11.48 -11.92
N GLU A 129 -21.40 -11.66 -12.04
CA GLU A 129 -20.52 -11.57 -10.88
C GLU A 129 -20.30 -10.16 -10.29
N TYR A 130 -20.10 -9.17 -11.14
CA TYR A 130 -20.08 -7.78 -10.69
C TYR A 130 -21.40 -7.43 -10.08
N GLU A 131 -22.50 -7.95 -10.63
CA GLU A 131 -23.79 -7.69 -10.04
C GLU A 131 -23.96 -8.30 -8.65
N LYS A 132 -23.49 -9.54 -8.46
CA LYS A 132 -23.45 -10.17 -7.14
C LYS A 132 -22.58 -9.34 -6.20
N SER A 133 -21.37 -9.05 -6.65
CA SER A 133 -20.40 -8.29 -5.91
C SER A 133 -20.98 -6.95 -5.49
N LEU A 134 -21.78 -6.33 -6.35
CA LEU A 134 -22.37 -5.05 -5.99
C LEU A 134 -23.40 -5.25 -4.89
N VAL A 135 -24.29 -6.21 -5.06
CA VAL A 135 -25.35 -6.34 -4.08
C VAL A 135 -24.82 -6.81 -2.70
N TYR A 136 -23.84 -7.73 -2.71
CA TYR A 136 -23.17 -8.13 -1.48
C TYR A 136 -22.45 -6.98 -0.77
N ALA A 137 -21.94 -6.04 -1.55
CA ALA A 137 -21.26 -4.86 -1.01
C ALA A 137 -22.22 -3.87 -0.37
N GLN A 138 -23.45 -3.82 -0.85
CA GLN A 138 -24.46 -2.95 -0.25
C GLN A 138 -24.77 -3.48 1.14
N GLN A 139 -24.99 -4.78 1.21
CA GLN A 139 -25.28 -5.50 2.44
C GLN A 139 -24.19 -5.24 3.46
N ALA A 140 -22.93 -5.34 3.02
CA ALA A 140 -21.77 -5.21 3.91
C ALA A 140 -21.34 -3.75 4.18
N ASP A 141 -22.04 -2.80 3.55
CA ASP A 141 -21.68 -1.37 3.58
C ASP A 141 -20.20 -1.07 3.28
N ASP A 142 -19.69 -1.52 2.14
CA ASP A 142 -18.32 -1.19 1.75
C ASP A 142 -18.37 -0.29 0.51
N GLN A 143 -18.37 1.02 0.71
CA GLN A 143 -18.57 1.96 -0.41
C GLN A 143 -17.55 1.82 -1.51
N VAL A 144 -16.31 1.47 -1.17
CA VAL A 144 -15.23 1.29 -2.16
C VAL A 144 -15.48 0.05 -3.04
N ALA A 145 -16.06 -0.99 -2.48
CA ALA A 145 -16.43 -2.19 -3.25
C ALA A 145 -17.61 -1.86 -4.17
N ILE A 146 -18.59 -1.10 -3.65
CA ILE A 146 -19.68 -0.63 -4.49
C ILE A 146 -19.13 0.19 -5.65
N ALA A 147 -18.28 1.15 -5.33
CA ALA A 147 -17.65 1.99 -6.36
C ALA A 147 -16.94 1.13 -7.39
N CYS A 148 -16.05 0.23 -6.94
CA CYS A 148 -15.34 -0.68 -7.84
C CYS A 148 -16.23 -1.56 -8.70
N ALA A 149 -17.41 -1.90 -8.20
CA ALA A 149 -18.30 -2.79 -8.93
C ALA A 149 -18.90 -2.10 -10.16
N PHE A 150 -19.36 -0.85 -9.96
CA PHE A 150 -19.83 0.03 -11.02
C PHE A 150 -18.79 0.34 -12.09
N ARG A 151 -17.56 0.66 -11.69
CA ARG A 151 -16.42 0.75 -12.61
C ARG A 151 -16.24 -0.50 -13.44
N GLY A 152 -16.38 -1.66 -12.81
CA GLY A 152 -16.24 -2.95 -13.47
C GLY A 152 -17.38 -3.22 -14.45
N LEU A 153 -18.62 -2.94 -14.05
CA LEU A 153 -19.74 -3.06 -14.97
C LEU A 153 -19.57 -2.14 -16.19
N GLY A 154 -19.24 -0.88 -15.95
CA GLY A 154 -18.93 0.07 -17.02
C GLY A 154 -17.84 -0.40 -17.99
N ASP A 155 -16.78 -1.02 -17.48
CA ASP A 155 -15.69 -1.52 -18.34
C ASP A 155 -16.15 -2.71 -19.14
N LEU A 156 -17.07 -3.46 -18.54
CA LEU A 156 -17.69 -4.57 -19.23
C LEU A 156 -18.58 -4.06 -20.36
N ALA A 157 -19.37 -3.02 -20.05
CA ALA A 157 -20.22 -2.35 -21.05
C ALA A 157 -19.42 -1.79 -22.24
N GLN A 158 -18.32 -1.10 -21.96
CA GLN A 158 -17.43 -0.59 -23.03
C GLN A 158 -16.94 -1.70 -23.96
N GLN A 159 -16.49 -2.79 -23.38
CA GLN A 159 -16.13 -3.97 -24.17
C GLN A 159 -17.24 -4.48 -25.12
N GLU A 160 -18.49 -4.31 -24.70
CA GLU A 160 -19.62 -4.70 -25.54
C GLU A 160 -20.03 -3.57 -26.48
N LYS A 161 -19.27 -2.48 -26.47
CA LYS A 161 -19.67 -1.25 -27.18
C LYS A 161 -21.02 -0.70 -26.72
N ASN A 162 -21.39 -0.99 -25.49
CA ASN A 162 -22.53 -0.33 -24.93
C ASN A 162 -22.15 0.89 -24.13
N LEU A 163 -21.90 1.98 -24.84
CA LEU A 163 -21.31 3.16 -24.24
C LEU A 163 -22.33 3.96 -23.41
N LEU A 164 -23.60 3.90 -23.79
CA LEU A 164 -24.70 4.41 -22.99
C LEU A 164 -24.70 3.79 -21.58
N GLU A 165 -24.45 2.48 -21.50
CA GLU A 165 -24.33 1.79 -20.22
C GLU A 165 -22.99 2.05 -19.52
N ALA A 166 -21.90 2.07 -20.29
CA ALA A 166 -20.57 2.33 -19.74
C ALA A 166 -20.58 3.69 -19.05
N GLN A 167 -21.05 4.70 -19.78
CA GLN A 167 -21.21 6.03 -19.24
C GLN A 167 -21.98 6.09 -17.91
N GLN A 168 -23.12 5.41 -17.81
CA GLN A 168 -23.94 5.53 -16.62
C GLN A 168 -23.23 4.92 -15.41
N HIS A 169 -22.64 3.76 -15.59
CA HIS A 169 -21.90 3.08 -14.54
C HIS A 169 -20.62 3.79 -14.09
N TRP A 170 -19.93 4.42 -15.05
CA TRP A 170 -18.70 5.15 -14.77
C TRP A 170 -18.94 6.48 -14.05
N LEU A 171 -20.09 7.12 -14.30
CA LEU A 171 -20.44 8.36 -13.58
C LEU A 171 -20.86 8.03 -12.15
N ARG A 172 -21.36 6.82 -11.94
CA ARG A 172 -21.76 6.43 -10.60
C ARG A 172 -20.57 6.10 -9.72
N ALA A 173 -19.66 5.29 -10.25
CA ALA A 173 -18.38 4.96 -9.60
C ALA A 173 -17.54 6.21 -9.34
N ARG A 174 -17.50 7.10 -10.31
CA ARG A 174 -16.79 8.38 -10.23
C ARG A 174 -17.31 9.22 -9.09
N ASP A 175 -18.63 9.29 -8.96
CA ASP A 175 -19.32 10.01 -7.90
C ASP A 175 -19.02 9.49 -6.49
N ILE A 176 -19.00 8.17 -6.34
CA ILE A 176 -18.72 7.56 -5.03
C ILE A 176 -17.27 7.83 -4.60
N PHE A 177 -16.33 7.61 -5.53
CA PHE A 177 -14.90 7.84 -5.32
C PHE A 177 -14.54 9.27 -4.95
N ALA A 178 -15.36 10.21 -5.42
CA ALA A 178 -15.21 11.61 -5.07
C ALA A 178 -15.58 11.89 -3.62
N GLU A 179 -16.62 11.21 -3.13
CA GLU A 179 -17.08 11.40 -1.74
C GLU A 179 -16.08 10.77 -0.80
N LEU A 180 -15.52 9.65 -1.23
CA LEU A 180 -14.40 9.02 -0.54
C LEU A 180 -13.12 9.82 -0.65
N GLU A 181 -13.14 10.89 -1.42
CA GLU A 181 -11.95 11.70 -1.67
C GLU A 181 -10.75 10.97 -2.27
N ASP A 182 -11.05 9.95 -3.06
CA ASP A 182 -10.03 9.22 -3.79
C ASP A 182 -9.91 9.86 -5.16
N SER A 183 -9.06 10.89 -5.21
CA SER A 183 -8.91 11.71 -6.39
C SER A 183 -8.19 10.98 -7.54
N GLU A 184 -7.44 9.93 -7.19
CA GLU A 184 -6.82 9.08 -8.21
C GLU A 184 -7.85 8.25 -8.99
N ALA A 185 -8.75 7.60 -8.27
CA ALA A 185 -9.83 6.87 -8.89
C ALA A 185 -10.79 7.80 -9.70
N VAL A 186 -11.08 8.98 -9.17
CA VAL A 186 -11.91 9.97 -9.89
C VAL A 186 -11.28 10.29 -11.22
N ASN A 187 -9.99 10.63 -11.16
CA ASN A 187 -9.23 10.96 -12.34
C ASN A 187 -9.24 9.86 -13.41
N GLU A 188 -8.99 8.63 -12.99
CA GLU A 188 -9.01 7.47 -13.88
C GLU A 188 -10.37 7.21 -14.53
N LEU A 189 -11.44 7.42 -13.78
CA LEU A 189 -12.79 7.37 -14.36
C LEU A 189 -13.10 8.52 -15.31
N MSE A 190 -12.41 9.65 -15.13
CA MSE A 190 -12.44 10.77 -16.07
C MSE A 190 -11.79 10.49 -17.41
O MSE A 190 -12.30 10.95 -18.44
CB MSE A 190 -11.80 12.01 -15.46
CG MSE A 190 -12.60 12.55 -14.32
SE MSE A 190 -14.17 13.46 -14.99
CE MSE A 190 -15.28 12.02 -15.64
N THR A 191 -10.69 9.75 -17.42
CA THR A 191 -10.04 9.29 -18.67
C THR A 191 -11.04 8.44 -19.45
N ARG A 192 -11.58 7.45 -18.77
CA ARG A 192 -12.62 6.59 -19.33
C ARG A 192 -13.72 7.40 -19.99
N LEU A 193 -14.34 8.27 -19.20
CA LEU A 193 -15.49 9.07 -19.64
C LEU A 193 -15.22 10.02 -20.80
N ASN A 194 -14.10 10.72 -20.74
CA ASN A 194 -13.75 11.67 -21.77
C ASN A 194 -13.25 11.01 -23.07
N GLY A 195 -12.68 9.81 -22.93
CA GLY A 195 -12.32 9.00 -24.10
C GLY A 195 -13.56 8.49 -24.82
N LEU A 196 -14.73 8.81 -24.27
CA LEU A 196 -16.01 8.42 -24.83
C LEU A 196 -16.44 9.38 -25.94
N GLU A 197 -15.56 10.30 -26.31
CA GLU A 197 -15.85 11.26 -27.38
C GLU A 197 -15.42 10.74 -28.76
N HIS A 198 -15.48 11.62 -29.77
CA HIS A 198 -15.07 11.25 -31.13
C HIS A 198 -13.53 11.08 -31.25
N ALA B 2 -2.44 -4.49 -2.63
CA ALA B 2 -1.53 -3.96 -3.69
C ALA B 2 -2.27 -3.68 -5.00
N PHE B 3 -2.11 -2.46 -5.51
CA PHE B 3 -2.73 -1.94 -6.75
C PHE B 3 -4.03 -1.16 -6.52
N GLU B 4 -5.16 -1.59 -7.06
CA GLU B 4 -6.35 -0.72 -7.08
C GLU B 4 -7.05 -0.48 -5.74
N ALA B 5 -7.98 0.46 -5.72
CA ALA B 5 -8.74 0.81 -4.51
C ALA B 5 -9.36 -0.40 -3.82
N HIS B 6 -9.82 -1.35 -4.61
CA HIS B 6 -10.45 -2.55 -4.10
C HIS B 6 -9.51 -3.35 -3.20
N ASP B 7 -8.24 -3.38 -3.55
CA ASP B 7 -7.27 -4.16 -2.80
C ASP B 7 -7.11 -3.60 -1.40
N TYR B 8 -7.06 -2.27 -1.30
CA TYR B 8 -6.86 -1.60 -0.01
C TYR B 8 -8.10 -1.69 0.87
N ALA B 9 -9.28 -1.57 0.28
CA ALA B 9 -10.48 -1.61 1.08
C ALA B 9 -10.65 -3.02 1.62
N LEU B 10 -10.31 -4.00 0.78
CA LEU B 10 -10.38 -5.36 1.21
C LEU B 10 -9.35 -5.61 2.33
N ALA B 11 -8.10 -5.25 2.08
CA ALA B 11 -7.02 -5.42 3.03
C ALA B 11 -7.34 -4.86 4.39
N GLU B 12 -8.04 -3.73 4.43
CA GLU B 12 -8.44 -3.11 5.68
C GLU B 12 -9.40 -3.99 6.44
N ARG B 13 -10.43 -4.48 5.74
CA ARG B 13 -11.43 -5.35 6.36
C ARG B 13 -10.83 -6.68 6.78
N GLN B 14 -9.86 -7.18 6.03
CA GLN B 14 -9.12 -8.37 6.45
C GLN B 14 -8.34 -8.11 7.73
N ALA B 15 -7.66 -6.96 7.79
CA ALA B 15 -6.88 -6.62 8.99
C ALA B 15 -7.76 -6.40 10.24
N GLN B 16 -8.95 -5.82 10.07
CA GLN B 16 -9.93 -5.70 11.16
C GLN B 16 -10.34 -7.04 11.69
N ALA B 17 -10.43 -8.02 10.81
CA ALA B 17 -10.71 -9.42 11.21
C ALA B 17 -9.55 -10.03 11.98
N LEU B 18 -8.33 -9.78 11.51
CA LEU B 18 -7.16 -10.39 12.13
C LEU B 18 -6.75 -9.76 13.47
N LEU B 19 -7.36 -8.63 13.84
CA LEU B 19 -7.18 -8.03 15.17
C LEU B 19 -7.84 -8.93 16.20
N ALA B 20 -8.82 -9.69 15.76
CA ALA B 20 -9.56 -10.61 16.59
C ALA B 20 -8.79 -11.88 17.02
N HIS B 21 -7.53 -12.04 16.59
CA HIS B 21 -6.75 -13.21 16.95
C HIS B 21 -5.37 -12.84 17.45
N PRO B 22 -5.06 -13.16 18.72
CA PRO B 22 -3.73 -12.86 19.28
C PRO B 22 -2.54 -13.18 18.35
N ALA B 23 -2.59 -14.32 17.66
CA ALA B 23 -1.55 -14.73 16.70
C ALA B 23 -1.37 -13.81 15.47
N THR B 24 -2.43 -13.09 15.10
CA THR B 24 -2.39 -12.21 13.93
C THR B 24 -2.49 -10.72 14.26
N ALA B 25 -2.84 -10.39 15.50
CA ALA B 25 -3.05 -8.99 15.94
C ALA B 25 -1.94 -7.97 15.61
N SER B 26 -0.67 -8.28 15.89
CA SER B 26 0.44 -7.36 15.56
C SER B 26 0.59 -7.05 14.07
N GLY B 27 0.77 -8.09 13.26
CA GLY B 27 0.72 -7.95 11.80
C GLY B 27 -0.42 -7.09 11.30
N ALA B 28 -1.61 -7.27 11.85
CA ALA B 28 -2.80 -6.52 11.44
C ALA B 28 -2.82 -5.04 11.86
N ARG B 29 -2.38 -4.75 13.08
CA ARG B 29 -2.19 -3.35 13.45
C ARG B 29 -1.26 -2.64 12.47
N PHE B 30 -0.15 -3.30 12.08
CA PHE B 30 0.80 -2.74 11.10
C PHE B 30 0.15 -2.43 9.78
N MSE B 31 -0.51 -3.44 9.22
CA MSE B 31 -1.17 -3.26 7.95
C MSE B 31 -2.18 -2.13 8.04
O MSE B 31 -2.32 -1.38 7.10
CB MSE B 31 -1.80 -4.56 7.49
CG MSE B 31 -0.73 -5.51 6.98
SE MSE B 31 0.36 -4.75 5.49
CE MSE B 31 -1.11 -4.30 4.26
N LEU B 32 -2.86 -2.01 9.17
CA LEU B 32 -3.86 -0.96 9.32
C LEU B 32 -3.25 0.41 9.30
N GLY B 33 -2.09 0.55 9.94
CA GLY B 33 -1.30 1.77 9.86
C GLY B 33 -1.04 2.20 8.43
N TYR B 34 -0.51 1.28 7.62
CA TYR B 34 -0.23 1.57 6.22
C TYR B 34 -1.48 1.88 5.43
N VAL B 35 -2.48 1.01 5.53
CA VAL B 35 -3.72 1.17 4.80
C VAL B 35 -4.42 2.50 5.14
N TYR B 36 -4.59 2.79 6.43
CA TYR B 36 -5.17 4.09 6.83
C TYR B 36 -4.44 5.28 6.24
N ALA B 37 -3.11 5.21 6.26
CA ALA B 37 -2.24 6.23 5.67
C ALA B 37 -2.58 6.42 4.20
N PHE B 38 -2.39 5.37 3.39
CA PHE B 38 -2.80 5.36 1.97
C PHE B 38 -4.15 6.06 1.81
N MSE B 39 -5.07 5.78 2.72
CA MSE B 39 -6.42 6.30 2.63
C MSE B 39 -6.62 7.71 3.19
O MSE B 39 -7.76 8.16 3.31
CB MSE B 39 -7.38 5.35 3.34
CG MSE B 39 -7.57 4.02 2.62
SE MSE B 39 -8.88 2.93 3.56
CE MSE B 39 -9.56 1.88 2.03
N ASP B 40 -5.52 8.38 3.54
CA ASP B 40 -5.56 9.77 4.09
C ASP B 40 -6.42 9.86 5.34
N ARG B 41 -6.68 8.70 5.93
CA ARG B 41 -7.31 8.61 7.21
C ARG B 41 -6.18 8.65 8.23
N PHE B 42 -5.78 9.85 8.63
CA PHE B 42 -4.49 10.04 9.33
C PHE B 42 -4.50 9.94 10.85
N ASP B 43 -5.61 10.28 11.49
CA ASP B 43 -5.71 10.11 12.94
C ASP B 43 -5.64 8.63 13.26
N GLU B 44 -6.30 7.83 12.43
CA GLU B 44 -6.38 6.39 12.58
C GLU B 44 -5.01 5.72 12.28
N ALA B 45 -4.32 6.19 11.23
CA ALA B 45 -2.95 5.77 10.96
C ALA B 45 -1.98 6.04 12.12
N ARG B 46 -2.02 7.25 12.68
CA ARG B 46 -1.15 7.63 13.82
C ARG B 46 -1.34 6.75 15.05
N ALA B 47 -2.60 6.59 15.47
CA ALA B 47 -2.95 5.77 16.62
C ALA B 47 -2.48 4.30 16.43
N SER B 48 -2.71 3.77 15.24
CA SER B 48 -2.26 2.43 14.94
C SER B 48 -0.77 2.30 15.19
N PHE B 49 0.03 3.19 14.62
CA PHE B 49 1.49 3.13 14.82
C PHE B 49 1.93 3.46 16.23
N GLN B 50 1.25 4.41 16.84
CA GLN B 50 1.47 4.78 18.23
C GLN B 50 1.26 3.60 19.17
N ALA B 51 0.32 2.72 18.84
CA ALA B 51 0.02 1.55 19.66
C ALA B 51 1.15 0.50 19.59
N LEU B 52 1.61 0.22 18.36
CA LEU B 52 2.81 -0.59 18.14
C LEU B 52 4.04 -0.07 18.87
N GLN B 53 4.18 1.25 18.93
CA GLN B 53 5.35 1.89 19.56
C GLN B 53 5.40 1.62 21.06
N GLN B 54 4.22 1.73 21.67
CA GLN B 54 4.05 1.46 23.08
C GLN B 54 4.23 -0.02 23.38
N GLN B 55 3.67 -0.88 22.53
CA GLN B 55 3.93 -2.30 22.67
C GLN B 55 5.43 -2.51 22.72
N ALA B 56 6.11 -1.90 21.74
CA ALA B 56 7.54 -2.05 21.59
C ALA B 56 8.30 -1.58 22.83
N GLN B 57 7.87 -0.46 23.38
CA GLN B 57 8.60 0.14 24.50
C GLN B 57 8.35 -0.58 25.83
N LYS B 58 7.25 -1.31 25.94
CA LYS B 58 7.01 -2.09 27.15
C LYS B 58 7.49 -3.55 27.02
N SER B 59 8.40 -3.77 26.09
CA SER B 59 9.04 -5.07 25.90
C SER B 59 10.54 -4.92 25.95
N GLY B 60 11.03 -3.68 26.04
CA GLY B 60 12.46 -3.39 26.00
C GLY B 60 13.02 -3.32 24.59
N ASP B 61 12.17 -3.62 23.60
CA ASP B 61 12.55 -3.65 22.18
C ASP B 61 12.71 -2.25 21.60
N HIS B 62 13.93 -1.73 21.71
CA HIS B 62 14.30 -0.41 21.17
C HIS B 62 14.29 -0.39 19.64
N THR B 63 14.62 -1.51 19.03
CA THR B 63 14.61 -1.62 17.58
C THR B 63 13.20 -1.42 17.04
N ALA B 64 12.26 -2.23 17.52
CA ALA B 64 10.87 -2.11 17.10
C ALA B 64 10.32 -0.73 17.44
N GLU B 65 10.87 -0.11 18.47
CA GLU B 65 10.40 1.18 18.97
C GLU B 65 10.77 2.33 18.04
N HIS B 66 12.03 2.38 17.62
CA HIS B 66 12.50 3.38 16.66
C HIS B 66 11.74 3.29 15.31
N ARG B 67 11.53 2.06 14.83
CA ARG B 67 10.84 1.80 13.55
C ARG B 67 9.36 2.10 13.60
N ALA B 68 8.74 1.93 14.75
CA ALA B 68 7.32 2.32 14.91
C ALA B 68 7.23 3.85 14.94
N LEU B 69 8.04 4.45 15.81
CA LEU B 69 8.13 5.90 15.98
C LEU B 69 8.36 6.59 14.63
N HIS B 70 9.23 6.01 13.82
CA HIS B 70 9.48 6.55 12.50
C HIS B 70 8.19 6.67 11.65
N GLN B 71 7.35 5.65 11.71
CA GLN B 71 6.11 5.69 10.95
C GLN B 71 5.09 6.66 11.51
N VAL B 72 5.14 6.92 12.81
CA VAL B 72 4.29 7.94 13.41
C VAL B 72 4.61 9.30 12.82
N GLY B 73 5.92 9.59 12.73
CA GLY B 73 6.41 10.78 12.07
C GLY B 73 6.03 10.91 10.60
N MSE B 74 6.16 9.82 9.84
CA MSE B 74 5.78 9.79 8.43
C MSE B 74 4.30 10.12 8.26
O MSE B 74 3.91 10.83 7.34
CB MSE B 74 6.11 8.44 7.78
CG MSE B 74 7.60 8.17 7.64
SE MSE B 74 8.07 6.70 6.37
CE MSE B 74 7.26 7.49 4.76
N VAL B 75 3.49 9.62 9.20
CA VAL B 75 2.08 9.89 9.24
C VAL B 75 1.79 11.35 9.56
N GLU B 76 2.57 11.92 10.50
CA GLU B 76 2.42 13.33 10.88
C GLU B 76 2.80 14.29 9.76
N ARG B 77 3.91 13.99 9.07
CA ARG B 77 4.30 14.70 7.83
C ARG B 77 3.17 14.68 6.80
N MSE B 78 2.72 13.49 6.41
CA MSE B 78 1.58 13.36 5.50
C MSE B 78 0.35 14.13 5.97
O MSE B 78 -0.36 14.69 5.15
CB MSE B 78 1.22 11.90 5.31
CG MSE B 78 2.24 11.12 4.50
SE MSE B 78 1.91 9.20 4.65
CE MSE B 78 0.93 8.86 2.95
N ALA B 79 0.10 14.17 7.27
CA ALA B 79 -0.99 14.94 7.82
C ALA B 79 -0.72 16.44 7.74
N GLY B 80 0.55 16.82 7.75
CA GLY B 80 0.93 18.23 7.74
C GLY B 80 1.09 18.78 9.15
N ASN B 81 1.33 17.89 10.11
CA ASN B 81 1.60 18.26 11.49
C ASN B 81 3.10 18.25 11.71
N TRP B 82 3.76 19.23 11.08
CA TRP B 82 5.21 19.24 10.91
C TRP B 82 6.03 19.34 12.19
N ASP B 83 5.45 19.96 13.22
CA ASP B 83 6.11 20.05 14.51
C ASP B 83 6.12 18.71 15.22
N ALA B 84 4.96 18.04 15.25
CA ALA B 84 4.86 16.67 15.76
C ALA B 84 5.81 15.74 15.01
N ALA B 85 5.97 15.99 13.71
CA ALA B 85 6.86 15.24 12.86
C ALA B 85 8.32 15.46 13.23
N ARG B 86 8.75 16.73 13.28
CA ARG B 86 10.07 17.12 13.73
C ARG B 86 10.43 16.37 15.00
N ARG B 87 9.51 16.46 15.99
CA ARG B 87 9.67 15.88 17.31
C ARG B 87 9.79 14.36 17.27
N CYS B 88 9.05 13.72 16.38
CA CYS B 88 9.17 12.28 16.15
C CYS B 88 10.54 11.87 15.62
N PHE B 89 10.97 12.52 14.56
CA PHE B 89 12.19 12.12 13.87
C PHE B 89 13.42 12.42 14.69
N LEU B 90 13.45 13.57 15.35
CA LEU B 90 14.51 13.92 16.29
C LEU B 90 14.56 12.94 17.45
N GLU B 91 13.38 12.62 18.00
CA GLU B 91 13.26 11.65 19.08
C GLU B 91 13.86 10.32 18.64
N GLU B 92 13.49 9.87 17.44
CA GLU B 92 13.88 8.56 16.89
C GLU B 92 15.38 8.53 16.68
N ARG B 93 15.94 9.66 16.30
CA ARG B 93 17.38 9.79 16.07
C ARG B 93 18.20 9.46 17.32
N GLU B 94 17.77 9.94 18.49
CA GLU B 94 18.54 9.67 19.71
C GLU B 94 18.49 8.18 20.06
N LEU B 95 17.32 7.59 19.91
CA LEU B 95 17.15 6.14 20.05
C LEU B 95 18.16 5.41 19.15
N LEU B 96 18.15 5.72 17.86
CA LEU B 96 19.11 5.15 16.89
C LEU B 96 20.58 5.30 17.31
N ALA B 97 20.94 6.49 17.79
CA ALA B 97 22.31 6.83 18.25
C ALA B 97 22.84 5.94 19.37
N SER B 98 21.94 5.25 20.08
CA SER B 98 22.33 4.33 21.15
C SER B 98 22.11 2.86 20.78
N LEU B 99 21.81 2.61 19.51
CA LEU B 99 21.68 1.25 19.00
C LEU B 99 22.80 0.98 18.04
N PRO B 100 23.17 -0.31 17.84
CA PRO B 100 24.10 -0.78 16.79
C PRO B 100 23.88 -0.14 15.41
N GLU B 101 24.97 -0.01 14.64
CA GLU B 101 24.92 0.60 13.32
C GLU B 101 23.84 -0.05 12.45
N ASP B 102 22.95 0.80 11.93
CA ASP B 102 21.93 0.40 11.00
C ASP B 102 21.86 1.47 9.91
N PRO B 103 22.64 1.29 8.84
CA PRO B 103 22.76 2.28 7.77
C PRO B 103 21.42 2.65 7.14
N LEU B 104 20.63 1.64 6.85
CA LEU B 104 19.36 1.82 6.17
C LEU B 104 18.39 2.65 7.01
N ALA B 105 18.38 2.46 8.32
CA ALA B 105 17.50 3.25 9.20
C ALA B 105 18.05 4.66 9.45
N ALA B 106 19.39 4.78 9.44
CA ALA B 106 20.05 6.08 9.50
C ALA B 106 19.72 6.92 8.25
N SER B 107 19.81 6.31 7.07
CA SER B 107 19.45 6.97 5.83
C SER B 107 18.00 7.50 5.85
N ALA B 108 17.09 6.67 6.32
CA ALA B 108 15.67 7.00 6.30
C ALA B 108 15.39 8.13 7.28
N ASN B 109 15.96 8.03 8.48
CA ASN B 109 15.80 9.05 9.50
C ASN B 109 16.27 10.44 9.04
N ALA B 110 17.48 10.48 8.48
CA ALA B 110 18.10 11.71 8.02
C ALA B 110 17.29 12.38 6.91
N TYR B 111 16.83 11.57 5.97
CA TYR B 111 15.94 12.00 4.93
C TYR B 111 14.69 12.72 5.50
N GLU B 112 14.13 12.18 6.57
CA GLU B 112 12.93 12.77 7.20
C GLU B 112 13.25 14.07 7.93
N VAL B 113 14.30 14.04 8.73
CA VAL B 113 14.80 15.25 9.38
C VAL B 113 15.11 16.32 8.33
N ALA B 114 15.74 15.92 7.22
CA ALA B 114 16.04 16.86 6.14
C ALA B 114 14.77 17.48 5.59
N THR B 115 13.77 16.63 5.34
CA THR B 115 12.51 17.07 4.77
C THR B 115 11.83 18.05 5.72
N VAL B 116 11.82 17.73 7.01
CA VAL B 116 11.25 18.63 7.99
C VAL B 116 11.90 20.01 7.85
N ALA B 117 13.22 20.07 8.03
CA ALA B 117 13.99 21.30 7.99
C ALA B 117 13.78 22.11 6.71
N LEU B 118 13.61 21.40 5.58
CA LEU B 118 13.28 22.05 4.32
C LEU B 118 11.92 22.77 4.39
N HIS B 119 10.88 22.06 4.85
CA HIS B 119 9.58 22.70 5.09
C HIS B 119 9.74 23.95 5.97
N PHE B 120 10.49 23.85 7.07
CA PHE B 120 10.70 24.97 7.97
C PHE B 120 11.68 26.04 7.48
N GLY B 121 12.44 25.74 6.44
CA GLY B 121 13.36 26.72 5.86
C GLY B 121 14.82 26.64 6.30
N ASP B 122 15.15 25.66 7.15
CA ASP B 122 16.57 25.46 7.54
C ASP B 122 17.33 24.79 6.40
N LEU B 123 17.73 25.58 5.42
CA LEU B 123 18.39 25.09 4.20
C LEU B 123 19.84 24.62 4.42
N ALA B 124 20.46 25.09 5.49
CA ALA B 124 21.73 24.54 5.94
C ALA B 124 21.49 23.16 6.56
N GLY B 125 20.42 23.03 7.35
CA GLY B 125 20.05 21.75 7.93
C GLY B 125 19.68 20.74 6.84
N ALA B 126 18.86 21.19 5.90
CA ALA B 126 18.39 20.32 4.83
C ALA B 126 19.56 19.68 4.09
N ARG B 127 20.50 20.50 3.63
CA ARG B 127 21.68 20.01 2.91
C ARG B 127 22.46 18.97 3.70
N GLN B 128 22.72 19.27 4.99
CA GLN B 128 23.49 18.40 5.88
C GLN B 128 22.89 17.02 6.00
N GLU B 129 21.57 16.98 6.17
CA GLU B 129 20.84 15.76 6.47
C GLU B 129 20.61 14.92 5.22
N TYR B 130 20.20 15.58 4.14
CA TYR B 130 20.08 14.93 2.84
C TYR B 130 21.39 14.27 2.40
N GLU B 131 22.51 14.95 2.62
CA GLU B 131 23.83 14.40 2.32
C GLU B 131 24.18 13.21 3.21
N LYS B 132 23.81 13.32 4.49
CA LYS B 132 23.95 12.19 5.41
C LYS B 132 23.02 11.01 5.00
N SER B 133 21.79 11.33 4.60
CA SER B 133 20.88 10.32 4.10
C SER B 133 21.49 9.60 2.91
N LEU B 134 22.11 10.36 2.02
CA LEU B 134 22.79 9.81 0.87
C LEU B 134 24.04 9.01 1.24
N VAL B 135 24.86 9.47 2.19
CA VAL B 135 26.01 8.66 2.61
C VAL B 135 25.60 7.28 3.18
N TYR B 136 24.57 7.27 4.04
CA TYR B 136 24.10 6.02 4.64
C TYR B 136 23.37 5.12 3.66
N ALA B 137 22.63 5.73 2.72
CA ALA B 137 22.04 5.01 1.60
C ALA B 137 23.08 4.17 0.88
N GLN B 138 24.23 4.79 0.58
CA GLN B 138 25.35 4.14 -0.11
C GLN B 138 26.10 3.12 0.74
N GLN B 139 26.08 3.31 2.05
CA GLN B 139 26.69 2.39 2.99
C GLN B 139 25.83 1.10 3.07
N ALA B 140 24.51 1.28 2.91
CA ALA B 140 23.55 0.18 2.90
C ALA B 140 23.34 -0.48 1.53
N ASP B 141 23.84 0.13 0.45
CA ASP B 141 23.60 -0.31 -0.93
C ASP B 141 22.10 -0.35 -1.31
N ASP B 142 21.36 0.66 -0.87
CA ASP B 142 19.92 0.75 -1.09
C ASP B 142 19.60 1.80 -2.17
N GLN B 143 19.26 1.31 -3.36
CA GLN B 143 18.95 2.17 -4.52
C GLN B 143 17.87 3.19 -4.24
N VAL B 144 16.80 2.74 -3.60
CA VAL B 144 15.64 3.57 -3.33
C VAL B 144 15.99 4.72 -2.38
N ALA B 145 16.79 4.42 -1.36
CA ALA B 145 17.23 5.45 -0.44
C ALA B 145 18.17 6.44 -1.18
N ILE B 146 19.06 5.93 -2.03
CA ILE B 146 19.90 6.81 -2.84
C ILE B 146 19.04 7.73 -3.72
N ALA B 147 18.04 7.16 -4.38
CA ALA B 147 17.20 7.92 -5.31
C ALA B 147 16.40 9.00 -4.59
N CYS B 148 15.89 8.68 -3.41
CA CYS B 148 15.10 9.63 -2.63
C CYS B 148 15.95 10.77 -2.07
N ALA B 149 17.15 10.41 -1.61
CA ALA B 149 18.09 11.40 -1.14
C ALA B 149 18.44 12.38 -2.29
N PHE B 150 18.63 11.88 -3.50
CA PHE B 150 18.89 12.77 -4.63
C PHE B 150 17.70 13.67 -4.96
N ARG B 151 16.48 13.12 -4.85
CA ARG B 151 15.29 13.91 -5.08
C ARG B 151 15.18 15.04 -4.08
N GLY B 152 15.42 14.73 -2.80
CA GLY B 152 15.40 15.75 -1.76
C GLY B 152 16.43 16.83 -2.01
N LEU B 153 17.59 16.44 -2.53
CA LEU B 153 18.66 17.38 -2.85
C LEU B 153 18.20 18.33 -3.97
N GLY B 154 17.50 17.77 -4.95
CA GLY B 154 16.82 18.55 -5.99
C GLY B 154 15.82 19.55 -5.43
N ASP B 155 14.88 19.08 -4.60
CA ASP B 155 13.91 19.98 -3.97
C ASP B 155 14.60 21.10 -3.19
N LEU B 156 15.71 20.77 -2.53
CA LEU B 156 16.49 21.79 -1.81
C LEU B 156 17.16 22.82 -2.75
N ALA B 157 17.59 22.38 -3.92
CA ALA B 157 18.22 23.30 -4.88
C ALA B 157 17.17 24.24 -5.50
N GLN B 158 15.97 23.74 -5.73
CA GLN B 158 14.84 24.55 -6.18
C GLN B 158 14.50 25.66 -5.19
N GLN B 159 14.50 25.32 -3.91
CA GLN B 159 14.34 26.31 -2.85
C GLN B 159 15.50 27.30 -2.84
N GLU B 160 16.71 26.79 -3.05
CA GLU B 160 17.90 27.65 -3.16
C GLU B 160 17.90 28.50 -4.44
N LYS B 161 17.01 28.15 -5.37
CA LYS B 161 16.93 28.77 -6.71
C LYS B 161 18.16 28.42 -7.59
N ASN B 162 18.50 27.12 -7.62
CA ASN B 162 19.56 26.56 -8.46
C ASN B 162 18.93 25.65 -9.49
N LEU B 163 18.54 26.23 -10.62
CA LEU B 163 17.74 25.53 -11.64
C LEU B 163 18.43 24.34 -12.33
N LEU B 164 19.76 24.39 -12.46
CA LEU B 164 20.53 23.29 -13.06
C LEU B 164 20.99 22.23 -12.04
N GLU B 165 21.30 22.66 -10.82
CA GLU B 165 21.56 21.75 -9.72
C GLU B 165 20.36 20.84 -9.44
N ALA B 166 19.17 21.42 -9.31
CA ALA B 166 17.91 20.68 -9.11
C ALA B 166 17.59 19.75 -10.29
N GLN B 167 17.99 20.21 -11.47
CA GLN B 167 17.81 19.49 -12.72
C GLN B 167 18.67 18.21 -12.74
N GLN B 168 19.94 18.33 -12.35
CA GLN B 168 20.87 17.18 -12.38
C GLN B 168 20.49 16.14 -11.34
N HIS B 169 20.13 16.61 -10.15
CA HIS B 169 19.74 15.74 -9.05
C HIS B 169 18.46 14.97 -9.33
N TRP B 170 17.47 15.63 -9.93
CA TRP B 170 16.19 14.96 -10.19
C TRP B 170 16.34 13.91 -11.28
N LEU B 171 17.22 14.19 -12.24
CA LEU B 171 17.49 13.25 -13.34
C LEU B 171 18.23 12.02 -12.84
N ARG B 172 19.21 12.24 -11.97
CA ARG B 172 19.86 11.16 -11.25
C ARG B 172 18.81 10.26 -10.56
N ALA B 173 17.93 10.88 -9.77
CA ALA B 173 16.81 10.20 -9.13
C ALA B 173 15.90 9.51 -10.15
N ARG B 174 15.55 10.23 -11.23
CA ARG B 174 14.69 9.70 -12.30
C ARG B 174 15.25 8.40 -12.85
N ASP B 175 16.55 8.43 -13.17
CA ASP B 175 17.26 7.33 -13.80
C ASP B 175 17.25 6.10 -12.91
N ILE B 176 17.72 6.27 -11.68
CA ILE B 176 17.74 5.17 -10.71
C ILE B 176 16.35 4.57 -10.57
N PHE B 177 15.36 5.43 -10.42
CA PHE B 177 13.97 4.99 -10.32
C PHE B 177 13.49 4.32 -11.60
N ALA B 178 14.18 4.59 -12.72
CA ALA B 178 13.87 3.98 -14.02
C ALA B 178 14.42 2.57 -14.16
N GLU B 179 15.60 2.32 -13.59
CA GLU B 179 16.20 0.99 -13.60
C GLU B 179 15.70 0.13 -12.44
N LEU B 180 14.62 0.58 -11.80
CA LEU B 180 13.91 -0.22 -10.81
C LEU B 180 12.45 -0.40 -11.23
N GLU B 181 12.10 0.20 -12.37
CA GLU B 181 10.73 0.18 -12.92
C GLU B 181 9.65 0.75 -11.97
N ASP B 182 10.09 1.60 -11.05
CA ASP B 182 9.16 2.34 -10.21
C ASP B 182 8.49 3.38 -11.09
N SER B 183 7.45 2.94 -11.78
CA SER B 183 6.80 3.73 -12.85
C SER B 183 6.09 4.99 -12.34
N GLU B 184 5.85 5.04 -11.04
CA GLU B 184 5.16 6.16 -10.43
C GLU B 184 6.14 7.17 -9.84
N ALA B 185 7.25 6.67 -9.30
CA ALA B 185 8.30 7.54 -8.78
C ALA B 185 8.92 8.37 -9.90
N VAL B 186 9.19 7.73 -11.03
CA VAL B 186 9.70 8.43 -12.22
C VAL B 186 8.72 9.53 -12.65
N ASN B 187 7.42 9.24 -12.51
CA ASN B 187 6.37 10.20 -12.80
C ASN B 187 6.33 11.39 -11.81
N GLU B 188 6.51 11.11 -10.52
CA GLU B 188 6.61 12.16 -9.48
C GLU B 188 7.79 13.10 -9.78
N LEU B 189 8.89 12.53 -10.25
CA LEU B 189 10.06 13.29 -10.70
C LEU B 189 9.78 14.09 -11.96
N MSE B 190 9.00 13.53 -12.89
CA MSE B 190 8.69 14.22 -14.16
C MSE B 190 7.85 15.47 -13.95
O MSE B 190 7.97 16.43 -14.71
CB MSE B 190 8.01 13.27 -15.17
CG MSE B 190 8.91 12.15 -15.75
SE MSE B 190 10.56 12.65 -16.75
CE MSE B 190 9.77 13.73 -18.21
N THR B 191 6.99 15.45 -12.94
CA THR B 191 6.16 16.59 -12.57
C THR B 191 6.99 17.74 -12.03
N ARG B 192 8.01 17.40 -11.23
CA ARG B 192 8.91 18.38 -10.66
C ARG B 192 9.70 19.13 -11.73
N LEU B 193 10.21 18.40 -12.72
CA LEU B 193 10.99 18.97 -13.82
C LEU B 193 10.20 20.02 -14.59
N ASN B 194 9.00 19.65 -15.02
CA ASN B 194 8.06 20.60 -15.61
C ASN B 194 7.45 21.47 -14.50
N GLY B 195 8.24 22.42 -14.01
CA GLY B 195 7.79 23.29 -12.93
C GLY B 195 8.78 24.38 -12.60
N LEU B 196 9.77 24.56 -13.48
CA LEU B 196 10.78 25.60 -13.34
C LEU B 196 10.59 26.69 -14.39
N GLU B 197 9.67 27.62 -14.12
CA GLU B 197 9.26 28.66 -15.08
C GLU B 197 10.26 29.84 -15.21
N HIS B 198 11.18 29.94 -14.25
CA HIS B 198 12.37 30.80 -14.39
C HIS B 198 13.59 30.11 -13.76
#